data_7Z5U
#
_entry.id   7Z5U
#
_cell.length_a   59.306
_cell.length_b   78.385
_cell.length_c   96.411
_cell.angle_alpha   90.000
_cell.angle_beta   90.000
_cell.angle_gamma   90.000
#
_symmetry.space_group_name_H-M   'P 21 21 21'
#
loop_
_entity.id
_entity.type
_entity.pdbx_description
1 polymer 'Collagenase ColG'
2 non-polymer 'ZINC ION'
3 non-polymer "(2~{R})-~{N}-[2-[4-[(2-acetamidophenoxy)methyl]-1,2,3-triazol-1-yl]ethyl]-2-(2-methylpropyl)-~{N}'-oxidanyl-propanediamide"
4 non-polymer 'CALCIUM ION'
5 water water
#
_entity_poly.entity_id   1
_entity_poly.type   'polypeptide(L)'
_entity_poly.pdbx_seq_one_letter_code
;MGSSHHHHHHSSGENLYFQGGTDHDKFLDDAEKHYLPKTYTFDNGTFIIRAGDKVSEEKIKRLYWASREVKSQFHRVVGN
DKALEVGNADDVLTMKIFNSPEEYKFNTNINGVSTDNGGLYIEPRGTFYTYERTPQQSIFSLEELFRHEYTHYLQARYLV
DGLWGQGPFYEKNRLTWFDEGTAEFFAGSTRTSGVLPRKLILGYLAKDKVDHRYSLKKTLNSGYDDSDWMFYNYGFAVAH
YLYEKDMPTFIKMNKAILNTDVKSYDEIIKKLSDDANKNTEYQNHIQELVDKYQGAGIPLVSDDYLKDHGYKKASEVYSE
ISKAASLTNTSVTAEKSQYFNTFTLRGTYTGETSKGEFKDWDEMSKKLDGTLESLAKNSWSGYKTLTAYFTNYRVTSDNK
VQYDVVFHGVLTDNG
;
_entity_poly.pdbx_strand_id   A
#
# COMPACT_ATOMS: atom_id res chain seq x y z
N ASP A 23 -33.04 16.91 -17.47
CA ASP A 23 -32.00 17.03 -18.50
C ASP A 23 -30.82 16.13 -18.13
N HIS A 24 -29.62 16.51 -18.58
CA HIS A 24 -28.45 15.64 -18.41
C HIS A 24 -28.11 15.39 -16.94
N ASP A 25 -28.58 16.25 -16.03
CA ASP A 25 -28.32 16.04 -14.61
C ASP A 25 -29.03 14.78 -14.10
N LYS A 26 -30.31 14.61 -14.46
CA LYS A 26 -31.06 13.45 -13.96
C LYS A 26 -30.49 12.14 -14.50
N PHE A 27 -29.88 12.17 -15.68
CA PHE A 27 -29.42 10.92 -16.30
C PHE A 27 -28.12 10.44 -15.67
N LEU A 28 -27.19 11.36 -15.39
CA LEU A 28 -25.97 10.95 -14.70
C LEU A 28 -26.30 10.45 -13.29
N ASP A 29 -27.22 11.09 -12.59
CA ASP A 29 -27.54 10.65 -11.24
C ASP A 29 -28.33 9.36 -11.26
N ASP A 30 -29.23 9.20 -12.24
CA ASP A 30 -29.98 7.95 -12.36
C ASP A 30 -29.06 6.78 -12.65
N ALA A 31 -28.04 7.00 -13.48
CA ALA A 31 -27.08 5.94 -13.77
C ALA A 31 -26.32 5.54 -12.52
N GLU A 32 -25.86 6.54 -11.74
CA GLU A 32 -25.11 6.23 -10.53
C GLU A 32 -25.99 5.53 -9.52
N LYS A 33 -27.28 5.86 -9.46
CA LYS A 33 -28.18 5.16 -8.56
C LYS A 33 -28.38 3.71 -8.99
N HIS A 34 -28.60 3.50 -10.28
CA HIS A 34 -28.80 2.13 -10.76
C HIS A 34 -27.55 1.29 -10.51
N TYR A 35 -26.38 1.79 -10.91
CA TYR A 35 -25.17 1.00 -10.83
C TYR A 35 -24.58 0.99 -9.42
N LEU A 36 -24.66 2.11 -8.68
CA LEU A 36 -23.96 2.29 -7.41
C LEU A 36 -24.91 2.84 -6.35
N PRO A 37 -25.93 2.08 -5.99
CA PRO A 37 -26.94 2.59 -5.04
C PRO A 37 -26.45 2.69 -3.60
N LYS A 38 -25.35 2.02 -3.21
CA LYS A 38 -24.98 1.89 -1.80
C LYS A 38 -23.77 2.77 -1.51
N THR A 39 -23.73 3.35 -0.30
CA THR A 39 -22.62 4.19 0.13
C THR A 39 -22.19 3.78 1.52
N TYR A 40 -20.89 3.55 1.71
CA TYR A 40 -20.32 3.10 2.99
C TYR A 40 -19.21 4.08 3.37
N THR A 41 -19.30 4.65 4.57
CA THR A 41 -18.46 5.77 4.97
C THR A 41 -17.60 5.38 6.16
N PHE A 42 -16.30 5.66 6.05
CA PHE A 42 -15.28 5.36 7.04
C PHE A 42 -14.42 6.58 7.34
N ASP A 43 -13.74 6.57 8.49
CA ASP A 43 -12.69 7.54 8.80
C ASP A 43 -13.21 8.97 8.74
N ASN A 44 -14.32 9.21 9.43
CA ASN A 44 -14.90 10.56 9.53
C ASN A 44 -15.15 11.16 8.15
N GLY A 45 -15.67 10.36 7.23
CA GLY A 45 -16.03 10.86 5.92
C GLY A 45 -14.92 10.99 4.91
N THR A 46 -13.73 10.44 5.16
CA THR A 46 -12.60 10.66 4.25
C THR A 46 -12.31 9.44 3.40
N PHE A 47 -13.04 8.34 3.63
CA PHE A 47 -12.89 7.06 2.94
C PHE A 47 -14.31 6.60 2.61
N ILE A 48 -14.71 6.72 1.35
CA ILE A 48 -16.09 6.52 0.92
C ILE A 48 -16.14 5.44 -0.15
N ILE A 49 -16.82 4.34 0.13
CA ILE A 49 -17.03 3.30 -0.87
C ILE A 49 -18.44 3.44 -1.45
N ARG A 50 -18.51 3.63 -2.76
CA ARG A 50 -19.75 3.63 -3.53
C ARG A 50 -19.83 2.28 -4.24
N ALA A 51 -20.92 1.55 -4.06
CA ALA A 51 -20.93 0.16 -4.49
C ALA A 51 -22.27 -0.30 -5.06
N GLY A 52 -22.16 -1.29 -5.93
CA GLY A 52 -23.33 -1.97 -6.42
C GLY A 52 -23.99 -2.76 -5.30
N ASP A 53 -25.28 -3.04 -5.50
CA ASP A 53 -26.11 -3.65 -4.46
C ASP A 53 -25.79 -5.12 -4.19
N LYS A 54 -24.96 -5.75 -5.02
CA LYS A 54 -24.56 -7.14 -4.85
C LYS A 54 -23.19 -7.27 -4.21
N VAL A 55 -22.49 -6.17 -3.95
CA VAL A 55 -21.24 -6.19 -3.19
C VAL A 55 -21.59 -6.37 -1.71
N SER A 56 -21.09 -7.44 -1.11
CA SER A 56 -21.49 -7.76 0.27
C SER A 56 -20.84 -6.80 1.27
N GLU A 57 -21.53 -6.61 2.41
CA GLU A 57 -20.99 -5.73 3.43
C GLU A 57 -19.77 -6.35 4.09
N GLU A 58 -19.70 -7.68 4.18
CA GLU A 58 -18.47 -8.32 4.63
C GLU A 58 -17.28 -7.94 3.75
N LYS A 59 -17.50 -7.95 2.45
CA LYS A 59 -16.43 -7.55 1.53
C LYS A 59 -16.05 -6.08 1.75
N ILE A 60 -17.03 -5.19 1.91
CA ILE A 60 -16.76 -3.78 2.20
C ILE A 60 -15.83 -3.65 3.41
N LYS A 61 -16.14 -4.39 4.49
CA LYS A 61 -15.30 -4.37 5.69
C LYS A 61 -13.89 -4.87 5.39
N ARG A 62 -13.76 -5.95 4.61
CA ARG A 62 -12.42 -6.43 4.29
C ARG A 62 -11.61 -5.39 3.57
N LEU A 63 -12.22 -4.73 2.59
CA LEU A 63 -11.49 -3.70 1.87
C LEU A 63 -11.00 -2.57 2.77
N TYR A 64 -11.81 -2.13 3.74
CA TYR A 64 -11.35 -1.10 4.68
C TYR A 64 -10.08 -1.55 5.40
N TRP A 65 -10.12 -2.71 6.04
CA TRP A 65 -8.92 -3.16 6.77
C TRP A 65 -7.75 -3.47 5.82
N ALA A 66 -8.06 -3.86 4.58
CA ALA A 66 -6.97 -4.05 3.61
C ALA A 66 -6.22 -2.72 3.32
N SER A 67 -6.97 -1.67 3.17
CA SER A 67 -6.35 -0.36 2.98
C SER A 67 -5.38 -0.04 4.12
N ARG A 68 -5.75 -0.32 5.37
CA ARG A 68 -4.84 -0.02 6.46
C ARG A 68 -3.59 -0.90 6.43
N GLU A 69 -3.71 -2.14 5.96
CA GLU A 69 -2.50 -2.96 5.84
C GLU A 69 -1.55 -2.37 4.82
N VAL A 70 -2.08 -1.95 3.64
CA VAL A 70 -1.28 -1.38 2.55
C VAL A 70 -0.68 -0.05 3.00
N LYS A 71 -1.52 0.76 3.64
CA LYS A 71 -1.06 2.05 4.15
C LYS A 71 0.13 1.89 5.08
N SER A 72 0.07 0.94 6.01
CA SER A 72 1.14 0.79 7.00
CA SER A 72 1.13 0.81 7.00
C SER A 72 2.46 0.45 6.33
N GLN A 73 2.44 -0.48 5.38
CA GLN A 73 3.69 -0.84 4.73
C GLN A 73 4.19 0.31 3.86
N PHE A 74 3.30 1.00 3.14
CA PHE A 74 3.73 2.13 2.31
C PHE A 74 4.45 3.20 3.15
N HIS A 75 3.86 3.60 4.27
CA HIS A 75 4.52 4.69 4.99
C HIS A 75 5.86 4.25 5.59
N ARG A 76 5.99 2.99 5.96
CA ARG A 76 7.25 2.51 6.48
C ARG A 76 8.33 2.72 5.44
N VAL A 77 8.03 2.35 4.20
CA VAL A 77 9.02 2.42 3.11
C VAL A 77 9.31 3.88 2.73
N VAL A 78 8.27 4.69 2.53
CA VAL A 78 8.46 6.06 2.08
C VAL A 78 8.98 6.95 3.21
N GLY A 79 8.56 6.70 4.45
CA GLY A 79 9.03 7.53 5.55
C GLY A 79 8.30 8.83 5.69
N ASN A 80 7.23 9.02 4.92
CA ASN A 80 6.40 10.21 5.08
C ASN A 80 4.95 9.81 5.17
N ASP A 81 4.16 10.45 6.05
CA ASP A 81 2.72 10.23 6.10
C ASP A 81 1.96 11.55 6.06
N LYS A 82 2.62 12.65 5.65
CA LYS A 82 1.97 13.95 5.53
C LYS A 82 1.70 14.20 4.06
N ALA A 83 0.45 14.57 3.73
CA ALA A 83 0.12 14.84 2.33
C ALA A 83 1.05 15.93 1.82
N LEU A 84 1.52 15.78 0.58
CA LEU A 84 2.51 16.73 0.06
C LEU A 84 1.87 18.08 -0.29
N GLU A 85 0.60 18.09 -0.64
CA GLU A 85 -0.10 19.28 -1.07
C GLU A 85 -1.30 19.53 -0.18
N VAL A 86 -1.72 20.77 -0.11
CA VAL A 86 -2.90 21.14 0.67
C VAL A 86 -4.06 21.40 -0.28
N GLY A 87 -5.24 20.89 0.06
CA GLY A 87 -6.44 21.18 -0.70
C GLY A 87 -6.73 20.27 -1.87
N ASN A 88 -5.98 19.18 -2.07
CA ASN A 88 -6.20 18.31 -3.22
C ASN A 88 -7.45 17.45 -3.01
N ALA A 89 -7.98 16.96 -4.13
CA ALA A 89 -9.23 16.20 -4.05
C ALA A 89 -9.09 14.96 -3.18
N ASP A 90 -7.90 14.36 -3.12
CA ASP A 90 -7.73 13.10 -2.40
C ASP A 90 -7.66 13.28 -0.89
N ASP A 91 -7.97 14.48 -0.38
CA ASP A 91 -8.32 14.61 1.03
C ASP A 91 -9.52 13.74 1.38
N VAL A 92 -10.30 13.34 0.37
CA VAL A 92 -11.39 12.40 0.50
C VAL A 92 -11.13 11.36 -0.58
N LEU A 93 -10.97 10.10 -0.19
CA LEU A 93 -10.82 9.02 -1.16
C LEU A 93 -12.19 8.39 -1.39
N THR A 94 -12.58 8.31 -2.66
CA THR A 94 -13.82 7.69 -3.09
C THR A 94 -13.46 6.48 -3.92
N MET A 95 -14.18 5.41 -3.69
CA MET A 95 -13.90 4.14 -4.35
C MET A 95 -15.22 3.62 -4.90
N LYS A 96 -15.29 3.45 -6.22
CA LYS A 96 -16.51 3.03 -6.87
C LYS A 96 -16.34 1.60 -7.31
N ILE A 97 -17.16 0.70 -6.76
CA ILE A 97 -17.00 -0.74 -6.94
C ILE A 97 -18.28 -1.26 -7.59
N PHE A 98 -18.20 -1.57 -8.88
CA PHE A 98 -19.39 -2.02 -9.59
C PHE A 98 -19.66 -3.49 -9.30
N ASN A 99 -20.85 -3.97 -9.68
CA ASN A 99 -21.28 -5.32 -9.28
C ASN A 99 -20.51 -6.41 -10.00
N SER A 100 -20.02 -6.13 -11.21
CA SER A 100 -19.58 -7.16 -12.13
C SER A 100 -18.71 -6.52 -13.21
N PRO A 101 -17.95 -7.32 -13.94
CA PRO A 101 -17.19 -6.75 -15.07
C PRO A 101 -18.07 -6.07 -16.09
N GLU A 102 -19.25 -6.64 -16.37
CA GLU A 102 -20.16 -6.06 -17.35
C GLU A 102 -20.58 -4.65 -16.97
N GLU A 103 -21.05 -4.46 -15.72
CA GLU A 103 -21.49 -3.15 -15.28
C GLU A 103 -20.33 -2.17 -15.20
N TYR A 104 -19.10 -2.64 -14.92
CA TYR A 104 -17.94 -1.76 -14.97
C TYR A 104 -17.63 -1.26 -16.37
N LYS A 105 -17.70 -2.17 -17.36
CA LYS A 105 -17.37 -1.82 -18.74
C LYS A 105 -18.27 -0.71 -19.25
N PHE A 106 -19.59 -0.91 -19.10
CA PHE A 106 -20.55 0.08 -19.59
C PHE A 106 -20.21 1.47 -19.06
N ASN A 107 -19.74 1.54 -17.82
CA ASN A 107 -19.33 2.80 -17.22
C ASN A 107 -17.87 3.12 -17.47
N THR A 108 -17.21 2.34 -18.33
CA THR A 108 -15.80 2.56 -18.68
C THR A 108 -14.94 2.45 -17.43
N THR A 115 -11.56 -1.70 -22.87
CA THR A 115 -12.26 -1.09 -21.76
C THR A 115 -11.89 -1.74 -20.42
N ASP A 116 -11.84 -3.07 -20.37
CA ASP A 116 -11.61 -3.78 -19.11
C ASP A 116 -10.12 -3.81 -18.81
N ASN A 117 -9.67 -2.85 -17.99
CA ASN A 117 -8.31 -2.85 -17.47
C ASN A 117 -8.27 -3.26 -16.01
N GLY A 118 -9.38 -3.70 -15.44
CA GLY A 118 -9.39 -4.16 -14.05
C GLY A 118 -9.70 -3.08 -13.01
N GLY A 119 -9.13 -1.90 -13.22
CA GLY A 119 -9.34 -0.79 -12.29
C GLY A 119 -8.56 0.43 -12.75
N LEU A 120 -8.90 1.58 -12.16
CA LEU A 120 -8.24 2.82 -12.55
C LEU A 120 -8.37 3.83 -11.42
N TYR A 121 -7.31 4.59 -11.20
CA TYR A 121 -7.32 5.69 -10.25
C TYR A 121 -7.22 7.02 -11.01
N ILE A 122 -7.96 8.04 -10.57
CA ILE A 122 -7.93 9.36 -11.18
C ILE A 122 -7.61 10.32 -10.04
N GLU A 123 -6.35 10.75 -9.94
CA GLU A 123 -5.92 11.60 -8.83
C GLU A 123 -6.71 12.90 -8.70
N PRO A 124 -7.01 13.67 -9.77
CA PRO A 124 -7.72 14.94 -9.60
C PRO A 124 -9.15 14.75 -9.12
N ARG A 125 -9.69 13.54 -9.10
CA ARG A 125 -10.99 13.27 -8.45
C ARG A 125 -10.86 12.53 -7.12
N GLY A 126 -9.64 12.16 -6.73
CA GLY A 126 -9.45 11.33 -5.58
C GLY A 126 -10.27 10.06 -5.60
N THR A 127 -10.44 9.46 -6.77
CA THR A 127 -11.38 8.35 -6.95
C THR A 127 -10.73 7.20 -7.72
N PHE A 128 -10.96 5.97 -7.27
CA PHE A 128 -10.67 4.83 -8.15
C PHE A 128 -11.92 4.00 -8.36
N TYR A 129 -11.88 3.24 -9.47
CA TYR A 129 -12.99 2.48 -9.99
C TYR A 129 -12.51 1.05 -10.20
N THR A 130 -13.35 0.09 -9.83
CA THR A 130 -13.11 -1.32 -10.12
C THR A 130 -14.43 -2.06 -9.90
N TYR A 131 -14.35 -3.38 -9.73
CA TYR A 131 -15.60 -4.14 -9.74
C TYR A 131 -15.44 -5.46 -8.99
N GLU A 132 -16.52 -5.89 -8.36
CA GLU A 132 -16.59 -7.24 -7.85
C GLU A 132 -16.65 -8.26 -9.00
N ARG A 133 -16.16 -9.46 -8.71
CA ARG A 133 -16.07 -10.47 -9.76
C ARG A 133 -15.99 -11.85 -9.12
N THR A 134 -16.37 -12.89 -9.91
CA THR A 134 -16.21 -14.27 -9.47
C THR A 134 -14.85 -14.80 -9.90
N PRO A 135 -14.41 -15.91 -9.32
CA PRO A 135 -13.18 -16.55 -9.80
C PRO A 135 -13.22 -16.96 -11.26
N GLN A 136 -14.41 -17.18 -11.82
CA GLN A 136 -14.54 -17.52 -13.23
C GLN A 136 -14.37 -16.31 -14.15
N GLN A 137 -14.36 -15.10 -13.61
CA GLN A 137 -14.21 -13.90 -14.41
C GLN A 137 -12.83 -13.28 -14.33
N SER A 138 -12.09 -13.55 -13.25
CA SER A 138 -10.73 -13.07 -13.14
C SER A 138 -9.97 -13.96 -12.18
N ILE A 139 -8.66 -14.08 -12.41
CA ILE A 139 -7.81 -14.77 -11.45
C ILE A 139 -7.59 -13.89 -10.25
N PHE A 140 -7.67 -12.57 -10.45
CA PHE A 140 -7.47 -11.60 -9.37
C PHE A 140 -8.77 -11.37 -8.61
N SER A 141 -8.69 -11.35 -7.29
CA SER A 141 -9.84 -11.03 -6.46
C SER A 141 -10.07 -9.50 -6.41
N LEU A 142 -11.24 -9.11 -5.97
CA LEU A 142 -11.51 -7.70 -5.80
C LEU A 142 -10.57 -7.09 -4.80
N GLU A 143 -10.30 -7.77 -3.69
CA GLU A 143 -9.40 -7.22 -2.68
C GLU A 143 -7.98 -7.02 -3.22
N GLU A 144 -7.51 -7.89 -4.12
CA GLU A 144 -6.19 -7.67 -4.73
C GLU A 144 -6.14 -6.40 -5.61
N LEU A 145 -7.14 -6.22 -6.46
CA LEU A 145 -7.21 -5.05 -7.33
C LEU A 145 -7.40 -3.77 -6.52
N PHE A 146 -8.22 -3.87 -5.48
CA PHE A 146 -8.41 -2.75 -4.57
C PHE A 146 -7.10 -2.32 -3.93
N ARG A 147 -6.32 -3.30 -3.48
CA ARG A 147 -5.01 -3.05 -2.88
C ARG A 147 -4.08 -2.40 -3.88
N HIS A 148 -4.18 -2.76 -5.14
CA HIS A 148 -3.35 -2.12 -6.16
C HIS A 148 -3.70 -0.66 -6.35
N GLU A 149 -5.00 -0.39 -6.56
CA GLU A 149 -5.43 1.00 -6.80
C GLU A 149 -5.24 1.87 -5.57
N TYR A 150 -5.49 1.32 -4.39
CA TYR A 150 -5.22 2.07 -3.16
C TYR A 150 -3.74 2.49 -3.08
N THR A 151 -2.81 1.66 -3.57
CA THR A 151 -1.40 2.06 -3.55
C THR A 151 -1.19 3.27 -4.47
N HIS A 152 -1.88 3.33 -5.60
CA HIS A 152 -1.76 4.53 -6.41
C HIS A 152 -2.28 5.77 -5.66
N TYR A 153 -3.40 5.67 -4.96
CA TYR A 153 -3.83 6.79 -4.10
C TYR A 153 -2.73 7.20 -3.10
N LEU A 154 -2.06 6.23 -2.47
CA LEU A 154 -0.99 6.54 -1.52
C LEU A 154 0.20 7.20 -2.20
N GLN A 155 0.63 6.66 -3.35
CA GLN A 155 1.72 7.27 -4.09
C GLN A 155 1.44 8.74 -4.38
N ALA A 156 0.25 8.97 -4.91
CA ALA A 156 -0.08 10.27 -5.44
C ALA A 156 -0.27 11.27 -4.33
N ARG A 157 -0.67 10.83 -3.14
CA ARG A 157 -0.89 11.76 -2.03
C ARG A 157 0.38 12.05 -1.23
N TYR A 158 1.20 11.01 -1.02
CA TYR A 158 2.25 11.07 -0.01
C TYR A 158 3.64 11.00 -0.60
N LEU A 159 3.79 10.72 -1.91
CA LEU A 159 5.12 10.49 -2.45
C LEU A 159 5.41 11.31 -3.70
N VAL A 160 4.48 11.41 -4.64
CA VAL A 160 4.73 12.05 -5.94
C VAL A 160 4.04 13.41 -5.94
N ASP A 161 4.83 14.46 -5.90
CA ASP A 161 4.34 15.83 -5.85
C ASP A 161 3.66 16.21 -7.16
N GLY A 162 2.72 17.16 -7.05
CA GLY A 162 1.96 17.54 -8.25
C GLY A 162 1.01 16.41 -8.64
N LEU A 163 0.55 16.45 -9.90
CA LEU A 163 -0.43 15.48 -10.41
C LEU A 163 0.23 14.47 -11.33
N TRP A 164 -0.34 13.26 -11.34
CA TRP A 164 0.06 12.22 -12.28
C TRP A 164 -0.06 12.74 -13.71
N GLY A 165 0.92 12.38 -14.55
CA GLY A 165 0.95 12.85 -15.94
C GLY A 165 1.58 14.22 -16.17
N GLN A 166 2.05 14.88 -15.12
CA GLN A 166 2.62 16.21 -15.26
C GLN A 166 4.02 16.26 -14.66
N GLY A 167 4.85 17.16 -15.18
CA GLY A 167 6.18 17.31 -14.63
C GLY A 167 7.18 16.28 -15.13
N PRO A 168 8.43 16.43 -14.67
CA PRO A 168 9.51 15.60 -15.22
C PRO A 168 9.42 14.14 -14.82
N PHE A 169 8.75 13.80 -13.71
CA PHE A 169 8.63 12.36 -13.43
C PHE A 169 7.62 11.67 -14.35
N TYR A 170 6.94 12.42 -15.21
CA TYR A 170 6.05 11.88 -16.23
C TYR A 170 6.55 12.26 -17.62
N GLU A 171 7.86 12.32 -17.73
CA GLU A 171 8.58 12.26 -18.99
C GLU A 171 9.51 11.06 -18.97
N LYS A 172 9.90 10.60 -20.18
CA LYS A 172 10.92 9.55 -20.37
C LYS A 172 10.61 8.25 -19.62
N ASN A 173 9.34 7.97 -19.37
CA ASN A 173 8.94 6.78 -18.61
C ASN A 173 9.61 6.70 -17.23
N ARG A 174 9.96 7.82 -16.62
CA ARG A 174 10.70 7.74 -15.37
C ARG A 174 10.01 6.87 -14.33
N LEU A 175 8.71 7.04 -14.18
CA LEU A 175 8.03 6.40 -13.04
C LEU A 175 7.09 5.31 -13.48
N THR A 176 7.09 4.91 -14.76
CA THR A 176 6.11 3.93 -15.21
C THR A 176 6.30 2.58 -14.54
N TRP A 177 7.51 2.01 -14.60
CA TRP A 177 7.76 0.76 -13.87
C TRP A 177 7.50 0.94 -12.39
N PHE A 178 7.84 2.12 -11.84
CA PHE A 178 7.77 2.34 -10.40
C PHE A 178 6.34 2.38 -9.93
N ASP A 179 5.51 3.22 -10.59
CA ASP A 179 4.11 3.35 -10.22
C ASP A 179 3.40 2.00 -10.27
N GLU A 180 3.63 1.24 -11.33
CA GLU A 180 2.87 0.01 -11.45
C GLU A 180 3.51 -1.16 -10.72
N GLY A 181 4.84 -1.27 -10.76
CA GLY A 181 5.54 -2.30 -10.02
C GLY A 181 5.44 -2.19 -8.50
N THR A 182 5.48 -0.94 -7.93
CA THR A 182 5.27 -0.81 -6.49
C THR A 182 3.81 -0.95 -6.08
N ALA A 183 2.86 -0.66 -6.99
CA ALA A 183 1.47 -0.97 -6.72
C ALA A 183 1.21 -2.47 -6.68
N GLU A 184 1.82 -3.23 -7.58
CA GLU A 184 1.76 -4.68 -7.41
C GLU A 184 2.45 -5.19 -6.14
N PHE A 185 3.59 -4.57 -5.80
CA PHE A 185 4.36 -4.90 -4.60
C PHE A 185 3.55 -4.63 -3.33
N PHE A 186 3.12 -3.39 -3.13
CA PHE A 186 2.38 -3.09 -1.89
C PHE A 186 1.01 -3.74 -1.83
N ALA A 187 0.44 -4.20 -2.94
CA ALA A 187 -0.76 -4.98 -2.82
C ALA A 187 -0.50 -6.25 -2.01
N GLY A 188 0.74 -6.67 -1.87
CA GLY A 188 1.06 -7.82 -1.03
C GLY A 188 1.30 -7.53 0.45
N SER A 189 0.90 -6.35 0.89
CA SER A 189 1.11 -5.98 2.28
C SER A 189 0.36 -6.92 3.23
N THR A 190 1.01 -7.23 4.37
CA THR A 190 0.40 -7.99 5.45
C THR A 190 0.28 -7.12 6.70
N ARG A 191 -0.26 -7.72 7.73
CA ARG A 191 -0.37 -7.04 9.01
C ARG A 191 0.94 -7.06 9.78
N THR A 192 1.52 -8.26 9.98
CA THR A 192 2.68 -8.40 10.86
C THR A 192 3.89 -9.02 10.19
N SER A 193 3.88 -9.20 8.87
CA SER A 193 5.00 -9.83 8.17
C SER A 193 5.51 -8.97 7.04
N GLY A 194 5.24 -7.66 7.05
CA GLY A 194 5.78 -6.78 6.02
C GLY A 194 5.05 -7.01 4.71
N VAL A 195 5.80 -6.87 3.61
CA VAL A 195 5.28 -7.07 2.27
C VAL A 195 5.75 -8.43 1.80
N LEU A 196 4.80 -9.27 1.39
CA LEU A 196 5.04 -10.60 0.88
C LEU A 196 4.70 -10.67 -0.61
N PRO A 197 5.43 -11.50 -1.38
CA PRO A 197 5.10 -11.66 -2.81
C PRO A 197 3.74 -12.33 -2.98
N ARG A 198 3.08 -11.98 -4.09
CA ARG A 198 1.75 -12.48 -4.42
C ARG A 198 1.85 -13.64 -5.41
N LYS A 199 1.09 -14.70 -5.13
CA LYS A 199 1.14 -15.89 -5.97
C LYS A 199 0.89 -15.60 -7.44
N LEU A 200 -0.11 -14.78 -7.75
CA LEU A 200 -0.49 -14.63 -9.15
C LEU A 200 0.56 -13.85 -9.91
N ILE A 201 1.19 -12.85 -9.28
CA ILE A 201 2.32 -12.15 -9.92
C ILE A 201 3.53 -13.10 -10.13
N LEU A 202 3.81 -13.93 -9.13
CA LEU A 202 4.89 -14.88 -9.33
C LEU A 202 4.53 -15.86 -10.44
N GLY A 203 3.25 -16.18 -10.57
CA GLY A 203 2.84 -17.08 -11.65
C GLY A 203 3.11 -16.48 -13.01
N TYR A 204 2.92 -15.16 -13.15
CA TYR A 204 3.24 -14.49 -14.42
C TYR A 204 4.72 -14.62 -14.70
N LEU A 205 5.57 -14.36 -13.69
CA LEU A 205 7.02 -14.54 -13.87
C LEU A 205 7.37 -15.99 -14.19
N ALA A 206 6.74 -16.93 -13.50
CA ALA A 206 7.13 -18.32 -13.66
C ALA A 206 6.76 -18.85 -15.03
N LYS A 207 5.65 -18.35 -15.59
CA LYS A 207 5.15 -18.84 -16.87
C LYS A 207 5.88 -18.22 -18.04
N ASP A 208 6.68 -17.18 -17.81
CA ASP A 208 7.41 -16.53 -18.89
C ASP A 208 8.59 -17.36 -19.33
N LYS A 209 8.97 -17.21 -20.59
CA LYS A 209 10.17 -17.89 -21.02
C LYS A 209 11.37 -17.29 -20.34
N VAL A 210 12.32 -18.15 -19.91
CA VAL A 210 13.49 -17.65 -19.20
C VAL A 210 14.23 -16.64 -20.06
N ASP A 211 14.35 -16.93 -21.37
CA ASP A 211 15.04 -16.09 -22.34
C ASP A 211 14.40 -14.72 -22.45
N HIS A 212 13.11 -14.58 -22.09
CA HIS A 212 12.37 -13.33 -22.28
C HIS A 212 12.28 -12.49 -21.01
N ARG A 213 12.93 -12.93 -19.93
CA ARG A 213 12.98 -12.12 -18.72
C ARG A 213 13.64 -10.76 -18.97
N TYR A 214 13.01 -9.69 -18.50
CA TYR A 214 13.56 -8.37 -18.79
C TYR A 214 14.85 -8.18 -17.99
N SER A 215 15.84 -7.53 -18.63
CA SER A 215 16.96 -6.98 -17.89
C SER A 215 16.49 -5.85 -16.97
N LEU A 216 17.33 -5.57 -15.98
CA LEU A 216 17.08 -4.44 -15.09
C LEU A 216 16.90 -3.16 -15.90
N LYS A 217 17.83 -2.91 -16.80
CA LYS A 217 17.75 -1.71 -17.62
C LYS A 217 16.48 -1.67 -18.46
N LYS A 218 16.09 -2.80 -19.07
CA LYS A 218 14.85 -2.80 -19.85
C LYS A 218 13.63 -2.46 -18.98
N THR A 219 13.56 -3.04 -17.76
CA THR A 219 12.42 -2.79 -16.91
C THR A 219 12.34 -1.32 -16.53
N LEU A 220 13.50 -0.70 -16.27
CA LEU A 220 13.50 0.67 -15.78
C LEU A 220 13.14 1.70 -16.85
N ASN A 221 13.13 1.27 -18.13
CA ASN A 221 12.74 2.09 -19.26
C ASN A 221 11.42 1.67 -19.88
N SER A 222 10.67 0.76 -19.24
CA SER A 222 9.43 0.32 -19.88
C SER A 222 8.34 1.38 -19.78
N GLY A 223 7.41 1.35 -20.73
CA GLY A 223 6.33 2.32 -20.76
C GLY A 223 5.01 1.69 -21.15
N TYR A 224 3.95 2.48 -20.97
CA TYR A 224 2.62 1.99 -21.27
C TYR A 224 2.46 1.71 -22.77
N ASP A 225 3.41 2.12 -23.60
CA ASP A 225 3.37 1.91 -25.05
C ASP A 225 4.01 0.59 -25.47
N ASP A 226 4.55 -0.18 -24.52
CA ASP A 226 5.26 -1.42 -24.82
C ASP A 226 4.33 -2.43 -25.49
N SER A 227 4.93 -3.48 -26.08
CA SER A 227 4.16 -4.47 -26.82
C SER A 227 3.19 -5.19 -25.89
N ASP A 228 3.61 -5.40 -24.65
CA ASP A 228 2.73 -5.98 -23.66
C ASP A 228 3.14 -5.36 -22.34
N TRP A 229 2.39 -5.67 -21.31
CA TRP A 229 2.57 -4.98 -20.05
C TRP A 229 3.14 -5.92 -19.01
N MET A 230 3.99 -6.87 -19.44
CA MET A 230 4.80 -7.65 -18.50
C MET A 230 5.72 -6.78 -17.65
N PHE A 231 5.93 -5.52 -18.01
CA PHE A 231 6.68 -4.66 -17.11
C PHE A 231 6.00 -4.55 -15.74
N TYR A 232 4.69 -4.73 -15.64
CA TYR A 232 4.10 -4.70 -14.29
C TYR A 232 4.77 -5.74 -13.42
N ASN A 233 5.01 -6.91 -13.99
CA ASN A 233 5.56 -7.98 -13.17
C ASN A 233 7.07 -7.83 -12.95
N TYR A 234 7.81 -7.47 -14.00
CA TYR A 234 9.25 -7.26 -13.85
C TYR A 234 9.47 -6.03 -13.00
N GLY A 235 8.58 -5.03 -13.06
CA GLY A 235 8.64 -3.89 -12.16
C GLY A 235 8.41 -4.25 -10.72
N PHE A 236 7.40 -5.09 -10.45
CA PHE A 236 7.27 -5.70 -9.13
C PHE A 236 8.58 -6.36 -8.71
N ALA A 237 9.22 -7.12 -9.60
CA ALA A 237 10.43 -7.84 -9.18
C ALA A 237 11.59 -6.88 -8.87
N VAL A 238 11.67 -5.74 -9.54
CA VAL A 238 12.67 -4.76 -9.15
C VAL A 238 12.40 -4.24 -7.73
N ALA A 239 11.15 -3.82 -7.48
CA ALA A 239 10.79 -3.34 -6.15
C ALA A 239 11.11 -4.37 -5.07
N HIS A 240 10.75 -5.63 -5.33
CA HIS A 240 10.96 -6.67 -4.33
C HIS A 240 12.44 -7.01 -4.16
N TYR A 241 13.20 -6.98 -5.26
CA TYR A 241 14.65 -7.17 -5.21
C TYR A 241 15.29 -6.09 -4.33
N LEU A 242 14.94 -4.81 -4.57
CA LEU A 242 15.50 -3.76 -3.72
C LEU A 242 15.02 -3.88 -2.27
N TYR A 243 13.72 -4.16 -2.07
CA TYR A 243 13.18 -4.34 -0.71
C TYR A 243 13.97 -5.38 0.09
N GLU A 244 14.26 -6.54 -0.52
CA GLU A 244 14.91 -7.65 0.19
C GLU A 244 16.41 -7.56 0.18
N LYS A 245 17.03 -7.06 -0.88
CA LYS A 245 18.47 -7.15 -1.10
C LYS A 245 19.20 -5.82 -1.09
N ASP A 246 18.51 -4.70 -1.31
CA ASP A 246 19.18 -3.41 -1.30
C ASP A 246 18.25 -2.30 -0.83
N MET A 247 17.81 -2.41 0.42
CA MET A 247 16.94 -1.38 0.95
C MET A 247 17.57 0.00 0.96
N PRO A 248 18.89 0.16 1.07
CA PRO A 248 19.45 1.52 0.92
C PRO A 248 19.08 2.18 -0.40
N THR A 249 19.14 1.44 -1.50
CA THR A 249 18.76 2.00 -2.78
C THR A 249 17.27 2.29 -2.85
N PHE A 250 16.42 1.42 -2.32
CA PHE A 250 14.98 1.68 -2.32
C PHE A 250 14.66 2.94 -1.53
N ILE A 251 15.28 3.09 -0.35
CA ILE A 251 15.03 4.28 0.48
C ILE A 251 15.51 5.55 -0.22
N LYS A 252 16.70 5.49 -0.82
CA LYS A 252 17.22 6.65 -1.54
C LYS A 252 16.35 6.99 -2.75
N MET A 253 15.86 5.96 -3.46
CA MET A 253 14.99 6.19 -4.60
C MET A 253 13.67 6.84 -4.17
N ASN A 254 13.09 6.35 -3.07
CA ASN A 254 11.85 6.94 -2.59
C ASN A 254 12.09 8.39 -2.13
N LYS A 255 13.23 8.65 -1.48
CA LYS A 255 13.52 10.00 -1.01
C LYS A 255 13.67 10.97 -2.19
N ALA A 256 14.30 10.54 -3.27
CA ALA A 256 14.44 11.38 -4.44
C ALA A 256 13.07 11.70 -5.05
N ILE A 257 12.21 10.70 -5.17
CA ILE A 257 10.88 11.01 -5.66
C ILE A 257 10.16 11.99 -4.74
N LEU A 258 10.15 11.71 -3.43
CA LEU A 258 9.47 12.55 -2.44
C LEU A 258 9.91 14.00 -2.52
N ASN A 259 11.18 14.21 -2.74
CA ASN A 259 11.76 15.53 -2.82
C ASN A 259 11.76 16.14 -4.24
N THR A 260 11.13 15.44 -5.19
CA THR A 260 11.11 15.84 -6.60
C THR A 260 12.53 16.15 -7.03
N ASP A 261 13.44 15.29 -6.63
CA ASP A 261 14.85 15.40 -6.98
C ASP A 261 15.06 14.56 -8.22
N VAL A 262 14.96 15.17 -9.40
CA VAL A 262 15.08 14.41 -10.63
C VAL A 262 16.50 13.92 -10.84
N LYS A 263 17.48 14.77 -10.51
CA LYS A 263 18.88 14.40 -10.69
C LYS A 263 19.22 13.16 -9.88
N SER A 264 18.83 13.12 -8.59
CA SER A 264 19.15 11.97 -7.73
C SER A 264 18.47 10.68 -8.23
N TYR A 265 17.22 10.80 -8.62
CA TYR A 265 16.53 9.65 -9.20
C TYR A 265 17.23 9.16 -10.45
N ASP A 266 17.60 10.06 -11.35
CA ASP A 266 18.24 9.63 -12.59
C ASP A 266 19.61 9.00 -12.33
N GLU A 267 20.34 9.47 -11.29
CA GLU A 267 21.63 8.88 -10.97
C GLU A 267 21.44 7.44 -10.48
N ILE A 268 20.41 7.22 -9.69
CA ILE A 268 20.13 5.87 -9.20
C ILE A 268 19.73 4.93 -10.33
N ILE A 269 18.81 5.36 -11.19
CA ILE A 269 18.38 4.55 -12.35
C ILE A 269 19.59 4.24 -13.26
N LYS A 270 20.43 5.23 -13.53
CA LYS A 270 21.60 4.98 -14.38
C LYS A 270 22.57 3.99 -13.71
N LYS A 271 22.79 4.10 -12.39
CA LYS A 271 23.69 3.17 -11.73
C LYS A 271 23.11 1.75 -11.76
N LEU A 272 21.78 1.62 -11.59
CA LEU A 272 21.15 0.30 -11.68
C LEU A 272 21.20 -0.23 -13.12
N SER A 273 21.03 0.64 -14.10
CA SER A 273 20.92 0.21 -15.48
C SER A 273 22.26 -0.18 -16.09
N ASP A 274 23.36 0.41 -15.62
CA ASP A 274 24.68 0.22 -16.25
C ASP A 274 25.58 -0.80 -15.56
N ASP A 275 25.19 -1.29 -14.40
CA ASP A 275 25.99 -2.21 -13.60
C ASP A 275 25.59 -3.63 -13.98
N ALA A 276 26.44 -4.34 -14.72
CA ALA A 276 26.10 -5.70 -15.09
C ALA A 276 25.89 -6.59 -13.86
N ASN A 277 26.73 -6.40 -12.82
CA ASN A 277 26.60 -7.20 -11.60
C ASN A 277 25.25 -7.00 -10.92
N LYS A 278 24.71 -5.79 -11.01
CA LYS A 278 23.38 -5.53 -10.47
C LYS A 278 22.30 -6.28 -11.26
N ASN A 279 22.45 -6.32 -12.59
CA ASN A 279 21.49 -7.12 -13.35
C ASN A 279 21.57 -8.60 -12.97
N THR A 280 22.78 -9.12 -12.81
CA THR A 280 22.93 -10.51 -12.38
C THR A 280 22.16 -10.75 -11.09
N GLU A 281 22.27 -9.81 -10.13
CA GLU A 281 21.55 -10.02 -8.86
C GLU A 281 20.03 -9.98 -9.07
N TYR A 282 19.58 -9.06 -9.90
CA TYR A 282 18.17 -8.96 -10.18
C TYR A 282 17.65 -10.20 -10.89
N GLN A 283 18.43 -10.76 -11.83
CA GLN A 283 18.03 -12.00 -12.51
C GLN A 283 17.96 -13.15 -11.51
N ASN A 284 18.97 -13.25 -10.65
CA ASN A 284 18.93 -14.25 -9.60
C ASN A 284 17.69 -14.06 -8.73
N HIS A 285 17.35 -12.80 -8.44
CA HIS A 285 16.17 -12.56 -7.61
C HIS A 285 14.86 -13.00 -8.33
N ILE A 286 14.76 -12.70 -9.62
CA ILE A 286 13.60 -13.19 -10.39
C ILE A 286 13.48 -14.72 -10.24
N GLN A 287 14.61 -15.43 -10.36
CA GLN A 287 14.52 -16.88 -10.29
C GLN A 287 14.09 -17.37 -8.90
N GLU A 288 14.59 -16.73 -7.84
CA GLU A 288 14.15 -17.07 -6.48
C GLU A 288 12.66 -16.80 -6.28
N LEU A 289 12.17 -15.69 -6.84
CA LEU A 289 10.73 -15.38 -6.84
C LEU A 289 9.94 -16.46 -7.57
N VAL A 290 10.42 -16.86 -8.75
CA VAL A 290 9.73 -17.94 -9.45
C VAL A 290 9.71 -19.22 -8.61
N ASP A 291 10.84 -19.56 -7.99
CA ASP A 291 10.90 -20.75 -7.18
C ASP A 291 9.94 -20.73 -5.99
N LYS A 292 9.50 -19.55 -5.58
CA LYS A 292 8.54 -19.37 -4.51
C LYS A 292 7.09 -19.46 -4.98
N TYR A 293 6.86 -19.52 -6.30
CA TYR A 293 5.50 -19.53 -6.80
C TYR A 293 4.67 -20.66 -6.18
N GLN A 294 5.22 -21.88 -6.14
CA GLN A 294 4.41 -23.04 -5.72
C GLN A 294 3.83 -22.82 -4.32
N GLY A 295 4.64 -22.33 -3.40
CA GLY A 295 4.24 -22.17 -2.01
C GLY A 295 3.87 -20.76 -1.59
N ALA A 296 3.72 -19.85 -2.53
CA ALA A 296 3.37 -18.48 -2.18
C ALA A 296 1.91 -18.39 -1.80
N GLY A 297 1.57 -17.40 -0.98
CA GLY A 297 0.19 -17.14 -0.64
C GLY A 297 -0.34 -15.91 -1.35
N ILE A 298 -1.59 -15.62 -1.06
CA ILE A 298 -2.24 -14.39 -1.53
C ILE A 298 -2.46 -13.53 -0.31
N PRO A 299 -1.69 -12.48 -0.06
CA PRO A 299 -1.95 -11.65 1.14
C PRO A 299 -3.32 -10.98 1.06
N LEU A 300 -4.24 -11.43 1.90
CA LEU A 300 -5.56 -10.83 2.06
C LEU A 300 -5.83 -10.73 3.55
N VAL A 301 -6.73 -9.83 3.92
CA VAL A 301 -6.92 -9.59 5.35
C VAL A 301 -7.50 -10.84 6.03
N SER A 302 -7.08 -11.07 7.27
CA SER A 302 -7.60 -12.20 8.04
C SER A 302 -9.08 -11.98 8.42
N ASP A 303 -9.80 -13.09 8.52
CA ASP A 303 -11.14 -13.05 9.08
C ASP A 303 -11.16 -12.46 10.50
N ASP A 304 -10.00 -12.38 11.17
CA ASP A 304 -9.98 -11.90 12.54
C ASP A 304 -10.45 -10.45 12.62
N TYR A 305 -10.34 -9.69 11.53
CA TYR A 305 -10.83 -8.32 11.53
C TYR A 305 -12.35 -8.24 11.69
N LEU A 306 -13.07 -9.27 11.27
CA LEU A 306 -14.53 -9.26 11.23
C LEU A 306 -15.17 -9.75 12.51
N LYS A 307 -14.36 -10.20 13.46
CA LYS A 307 -14.89 -10.75 14.70
C LYS A 307 -15.54 -9.65 15.55
N ASP A 308 -16.45 -10.07 16.43
CA ASP A 308 -17.02 -9.16 17.43
C ASP A 308 -16.07 -9.09 18.60
N HIS A 309 -15.22 -8.05 18.64
CA HIS A 309 -14.11 -8.06 19.60
C HIS A 309 -14.57 -7.77 21.01
N GLY A 310 -15.58 -6.95 21.15
CA GLY A 310 -16.13 -6.64 22.44
C GLY A 310 -15.43 -5.45 23.08
N TYR A 311 -16.01 -5.02 24.18
CA TYR A 311 -15.54 -3.82 24.86
C TYR A 311 -14.17 -4.04 25.48
N LYS A 312 -13.29 -3.06 25.31
CA LYS A 312 -12.07 -2.94 26.10
C LYS A 312 -11.84 -1.45 26.33
N LYS A 313 -11.62 -1.06 27.59
CA LYS A 313 -11.48 0.36 27.89
C LYS A 313 -10.34 0.98 27.08
N ALA A 314 -10.60 2.13 26.49
CA ALA A 314 -9.64 2.77 25.58
C ALA A 314 -8.29 3.00 26.27
N SER A 315 -8.32 3.54 27.49
CA SER A 315 -7.07 3.83 28.19
C SER A 315 -6.20 2.58 28.33
N GLU A 316 -6.81 1.40 28.52
CA GLU A 316 -5.98 0.19 28.64
C GLU A 316 -5.33 -0.15 27.30
N VAL A 317 -6.09 -0.05 26.22
CA VAL A 317 -5.52 -0.29 24.90
C VAL A 317 -4.32 0.62 24.67
N TYR A 318 -4.50 1.94 24.86
CA TYR A 318 -3.42 2.89 24.57
C TYR A 318 -2.23 2.63 25.48
N SER A 319 -2.48 2.35 26.77
CA SER A 319 -1.36 2.10 27.68
C SER A 319 -0.61 0.83 27.32
N GLU A 320 -1.33 -0.24 26.94
CA GLU A 320 -0.66 -1.48 26.60
C GLU A 320 0.14 -1.35 25.31
N ILE A 321 -0.36 -0.59 24.36
CA ILE A 321 0.40 -0.37 23.14
C ILE A 321 1.64 0.47 23.40
N SER A 322 1.46 1.59 24.11
CA SER A 322 2.58 2.48 24.42
C SER A 322 3.69 1.74 25.16
N LYS A 323 3.32 0.83 26.07
CA LYS A 323 4.35 0.11 26.82
C LYS A 323 5.05 -0.93 25.96
N ALA A 324 4.29 -1.66 25.14
CA ALA A 324 4.90 -2.70 24.30
C ALA A 324 5.77 -2.09 23.20
N ALA A 325 5.40 -0.92 22.69
CA ALA A 325 6.16 -0.26 21.63
C ALA A 325 7.18 0.75 22.15
N SER A 326 7.19 1.00 23.46
CA SER A 326 8.11 1.94 24.10
C SER A 326 7.96 3.33 23.50
N LEU A 327 6.72 3.82 23.50
CA LEU A 327 6.38 5.11 22.90
C LEU A 327 6.25 6.20 23.95
N THR A 328 6.80 7.38 23.66
CA THR A 328 6.60 8.58 24.45
C THR A 328 5.81 9.63 23.68
N ASN A 329 5.48 10.71 24.38
CA ASN A 329 4.69 11.82 23.84
C ASN A 329 3.56 11.30 22.94
N THR A 330 2.66 10.50 23.53
CA THR A 330 1.63 9.82 22.76
C THR A 330 0.34 10.63 22.75
N SER A 331 -0.25 10.72 21.57
CA SER A 331 -1.56 11.30 21.37
C SER A 331 -2.44 10.31 20.60
N VAL A 332 -3.76 10.48 20.73
CA VAL A 332 -4.70 9.61 20.05
C VAL A 332 -5.83 10.44 19.46
N THR A 333 -6.32 9.99 18.33
CA THR A 333 -7.49 10.56 17.71
C THR A 333 -8.44 9.42 17.38
N ALA A 334 -9.73 9.66 17.51
CA ALA A 334 -10.76 8.66 17.28
C ALA A 334 -11.59 9.03 16.06
N GLU A 335 -11.93 8.04 15.26
CA GLU A 335 -12.72 8.25 14.05
C GLU A 335 -13.93 7.32 14.03
N LYS A 336 -15.00 7.77 13.38
CA LYS A 336 -16.23 7.04 13.24
C LYS A 336 -16.34 6.46 11.83
N SER A 337 -16.69 5.18 11.76
CA SER A 337 -16.95 4.51 10.50
C SER A 337 -18.32 3.87 10.51
N GLN A 338 -18.72 3.36 9.34
CA GLN A 338 -20.08 2.82 9.18
C GLN A 338 -20.37 1.70 10.15
N TYR A 339 -19.38 0.87 10.42
CA TYR A 339 -19.58 -0.39 11.13
C TYR A 339 -18.88 -0.45 12.47
N PHE A 340 -18.01 0.49 12.77
CA PHE A 340 -17.21 0.48 13.99
C PHE A 340 -16.56 1.85 14.09
N ASN A 341 -15.88 2.09 15.21
CA ASN A 341 -14.99 3.22 15.39
C ASN A 341 -13.56 2.72 15.41
N THR A 342 -12.63 3.62 15.16
CA THR A 342 -11.20 3.31 15.19
C THR A 342 -10.45 4.35 16.00
N PHE A 343 -9.18 4.05 16.28
CA PHE A 343 -8.26 4.97 16.93
C PHE A 343 -6.97 4.98 16.12
N THR A 344 -6.33 6.13 16.09
CA THR A 344 -4.97 6.27 15.56
C THR A 344 -4.09 6.81 16.69
N LEU A 345 -3.19 5.98 17.18
CA LEU A 345 -2.29 6.33 18.28
C LEU A 345 -0.96 6.72 17.66
N ARG A 346 -0.51 7.94 17.95
CA ARG A 346 0.78 8.45 17.49
C ARG A 346 1.69 8.67 18.67
N GLY A 347 2.94 8.25 18.51
CA GLY A 347 3.92 8.44 19.55
C GLY A 347 5.31 8.56 18.96
N THR A 348 6.23 8.98 19.80
CA THR A 348 7.64 9.03 19.45
C THR A 348 8.33 7.79 19.99
N TYR A 349 9.20 7.21 19.20
CA TYR A 349 10.04 6.11 19.64
C TYR A 349 11.47 6.58 19.59
N THR A 350 12.12 6.62 20.74
CA THR A 350 13.55 6.91 20.82
C THR A 350 14.23 5.65 21.31
N GLY A 351 14.97 4.99 20.42
CA GLY A 351 15.69 3.78 20.78
C GLY A 351 17.14 4.02 21.17
N GLU A 352 18.01 3.13 20.72
CA GLU A 352 19.43 3.17 21.06
C GLU A 352 20.21 4.00 20.05
N THR A 353 21.53 3.91 20.10
CA THR A 353 22.37 4.66 19.17
C THR A 353 22.10 4.20 17.74
N SER A 354 22.09 5.17 16.82
CA SER A 354 21.73 4.90 15.44
C SER A 354 22.85 4.15 14.72
N LYS A 355 22.47 3.12 13.96
CA LYS A 355 23.35 2.36 13.09
C LYS A 355 23.24 2.80 11.64
N GLY A 356 22.79 4.02 11.40
CA GLY A 356 22.47 4.49 10.06
C GLY A 356 20.99 4.32 9.72
N GLU A 357 20.49 5.22 8.88
CA GLU A 357 19.08 5.18 8.50
C GLU A 357 18.68 3.81 7.97
N PHE A 358 19.60 3.16 7.26
CA PHE A 358 19.21 1.94 6.55
C PHE A 358 19.21 0.72 7.48
N LYS A 359 20.25 0.56 8.31
CA LYS A 359 20.23 -0.49 9.32
C LYS A 359 19.13 -0.24 10.36
N ASP A 360 18.93 1.02 10.71
CA ASP A 360 17.82 1.35 11.63
C ASP A 360 16.47 0.92 11.06
N TRP A 361 16.21 1.25 9.79
CA TRP A 361 14.95 0.87 9.17
C TRP A 361 14.67 -0.62 9.37
N ASP A 362 15.68 -1.45 9.14
CA ASP A 362 15.46 -2.90 9.23
C ASP A 362 15.15 -3.31 10.67
N GLU A 363 15.94 -2.80 11.62
CA GLU A 363 15.67 -3.10 13.02
C GLU A 363 14.30 -2.62 13.44
N MET A 364 13.92 -1.40 13.05
CA MET A 364 12.64 -0.85 13.47
C MET A 364 11.48 -1.72 12.97
N SER A 365 11.54 -2.16 11.71
CA SER A 365 10.53 -3.04 11.12
C SER A 365 10.39 -4.33 11.90
N LYS A 366 11.52 -4.93 12.29
CA LYS A 366 11.47 -6.17 13.05
C LYS A 366 10.88 -5.95 14.44
N LYS A 367 11.33 -4.90 15.13
CA LYS A 367 10.78 -4.61 16.46
C LYS A 367 9.27 -4.36 16.38
N LEU A 368 8.82 -3.60 15.36
CA LEU A 368 7.42 -3.24 15.31
C LEU A 368 6.56 -4.45 15.03
N ASP A 369 6.97 -5.29 14.07
CA ASP A 369 6.21 -6.51 13.79
C ASP A 369 6.22 -7.44 15.00
N GLY A 370 7.37 -7.59 15.66
CA GLY A 370 7.39 -8.40 16.87
C GLY A 370 6.44 -7.88 17.94
N THR A 371 6.28 -6.55 18.03
CA THR A 371 5.32 -6.02 19.00
C THR A 371 3.89 -6.37 18.59
N LEU A 372 3.59 -6.28 17.30
CA LEU A 372 2.24 -6.56 16.82
C LEU A 372 1.87 -8.02 17.09
N GLU A 373 2.82 -8.93 16.91
CA GLU A 373 2.56 -10.33 17.20
C GLU A 373 2.43 -10.59 18.71
N SER A 374 3.15 -9.82 19.53
CA SER A 374 3.04 -10.00 20.99
C SER A 374 1.68 -9.52 21.48
N LEU A 375 1.26 -8.34 21.03
CA LEU A 375 -0.03 -7.79 21.48
C LEU A 375 -1.19 -8.68 21.05
N ALA A 376 -1.04 -9.40 19.95
CA ALA A 376 -2.09 -10.32 19.54
C ALA A 376 -1.95 -11.72 20.13
N LYS A 377 -0.83 -12.03 20.80
CA LYS A 377 -0.55 -13.39 21.30
C LYS A 377 -1.76 -13.83 22.11
N ASN A 378 -1.97 -13.16 23.23
CA ASN A 378 -3.20 -13.32 24.01
C ASN A 378 -3.65 -11.91 24.32
N SER A 379 -4.96 -11.77 24.49
CA SER A 379 -5.61 -10.53 24.92
C SER A 379 -6.84 -10.28 24.07
N TRP A 380 -7.44 -9.11 24.25
CA TRP A 380 -8.55 -8.65 23.44
C TRP A 380 -8.32 -8.98 21.95
N SER A 381 -9.31 -9.64 21.35
CA SER A 381 -9.22 -9.96 19.94
C SER A 381 -9.08 -8.68 19.09
N GLY A 382 -9.45 -7.53 19.65
CA GLY A 382 -9.25 -6.27 18.94
C GLY A 382 -7.79 -5.98 18.60
N TYR A 383 -6.85 -6.55 19.36
CA TYR A 383 -5.43 -6.39 19.04
C TYR A 383 -5.07 -7.02 17.71
N LYS A 384 -5.91 -7.93 17.19
CA LYS A 384 -5.69 -8.51 15.86
C LYS A 384 -6.06 -7.56 14.72
N THR A 385 -6.62 -6.38 15.04
CA THR A 385 -6.93 -5.38 14.04
C THR A 385 -5.83 -4.32 13.89
N LEU A 386 -4.77 -4.38 14.69
CA LEU A 386 -3.74 -3.33 14.70
C LEU A 386 -2.87 -3.38 13.45
N THR A 387 -2.63 -2.21 12.87
CA THR A 387 -1.56 -1.98 11.90
C THR A 387 -0.62 -0.93 12.47
N ALA A 388 0.66 -0.96 12.08
CA ALA A 388 1.62 -0.02 12.63
C ALA A 388 2.66 0.35 11.59
N TYR A 389 3.11 1.58 11.66
CA TYR A 389 4.20 2.04 10.81
C TYR A 389 4.96 3.12 11.55
N PHE A 390 6.10 3.51 10.97
CA PHE A 390 7.03 4.49 11.52
C PHE A 390 7.48 5.41 10.38
N THR A 391 7.79 6.64 10.73
CA THR A 391 8.08 7.69 9.74
C THR A 391 9.10 8.65 10.33
N ASN A 392 9.66 9.52 9.44
CA ASN A 392 10.43 10.71 9.86
C ASN A 392 11.66 10.34 10.68
N TYR A 393 12.41 9.38 10.15
CA TYR A 393 13.69 9.02 10.75
C TYR A 393 14.52 10.26 11.10
N ARG A 394 15.14 10.22 12.27
CA ARG A 394 16.13 11.22 12.67
C ARG A 394 16.94 10.62 13.79
N VAL A 395 17.93 11.37 14.25
CA VAL A 395 18.70 11.02 15.44
C VAL A 395 18.68 12.23 16.37
N THR A 396 18.74 11.95 17.67
CA THR A 396 18.77 13.01 18.68
C THR A 396 20.16 13.63 18.73
N SER A 397 20.33 14.63 19.61
CA SER A 397 21.66 15.18 19.79
C SER A 397 22.62 14.16 20.40
N ASP A 398 22.09 13.18 21.13
CA ASP A 398 22.86 12.06 21.66
C ASP A 398 22.98 10.91 20.66
N ASN A 399 22.54 11.12 19.43
CA ASN A 399 22.71 10.15 18.34
C ASN A 399 21.90 8.89 18.56
N LYS A 400 20.70 9.05 19.15
CA LYS A 400 19.78 7.93 19.31
C LYS A 400 18.80 7.89 18.14
N VAL A 401 18.48 6.67 17.66
CA VAL A 401 17.43 6.55 16.64
C VAL A 401 16.14 7.16 17.15
N GLN A 402 15.44 7.87 16.26
CA GLN A 402 14.17 8.49 16.64
C GLN A 402 13.20 8.40 15.47
N TYR A 403 12.01 7.90 15.76
CA TYR A 403 10.96 7.69 14.79
C TYR A 403 9.65 8.24 15.33
N ASP A 404 8.79 8.72 14.43
CA ASP A 404 7.38 8.89 14.75
C ASP A 404 6.68 7.58 14.44
N VAL A 405 5.95 7.02 15.40
CA VAL A 405 5.33 5.70 15.28
C VAL A 405 3.82 5.84 15.35
N VAL A 406 3.10 5.04 14.56
CA VAL A 406 1.66 5.19 14.42
C VAL A 406 1.03 3.82 14.48
N PHE A 407 0.07 3.66 15.39
CA PHE A 407 -0.79 2.48 15.46
C PHE A 407 -2.21 2.86 15.09
N HIS A 408 -2.90 1.91 14.47
CA HIS A 408 -4.30 2.07 14.10
C HIS A 408 -5.04 0.79 14.42
N GLY A 409 -6.24 0.94 14.96
CA GLY A 409 -7.00 -0.25 15.30
C GLY A 409 -8.45 0.08 15.59
N VAL A 410 -9.24 -1.00 15.80
CA VAL A 410 -10.63 -0.84 16.18
C VAL A 410 -10.74 -0.27 17.61
N LEU A 411 -11.77 0.53 17.82
CA LEU A 411 -12.06 1.14 19.11
C LEU A 411 -13.47 0.72 19.48
N THR A 412 -13.61 -0.04 20.56
CA THR A 412 -14.90 -0.51 21.08
C THR A 412 -15.31 0.19 22.38
N ASP A 413 -14.56 1.20 22.81
CA ASP A 413 -14.91 2.04 23.96
C ASP A 413 -15.48 3.36 23.45
N ASN A 414 -16.80 3.50 23.50
CA ASN A 414 -17.43 4.77 23.17
C ASN A 414 -17.16 5.80 24.28
#